data_4LWM
#
_entry.id   4LWM
#
_cell.length_a   80.849
_cell.length_b   80.849
_cell.length_c   66.921
_cell.angle_alpha   90.00
_cell.angle_beta   90.00
_cell.angle_gamma   120.00
#
_symmetry.space_group_name_H-M   'P 32 2 1'
#
loop_
_entity.id
_entity.type
_entity.pdbx_description
1 polymer 'Peptide methionine sulfoxide reductase MsrA'
2 non-polymer S-OXYMETHIONINE
3 non-polymer 'ACETATE ION'
4 water water
#
_entity_poly.entity_id   1
_entity_poly.type   'polypeptide(L)'
_entity_poly.pdbx_seq_one_letter_code
;MDTNQKLSIAVFALGCFWGPDAQFGSIKGVVSTRVGYAGGTTNNPSYYNLGDHSDSIEIQYDANVITYGELLNIFWNLHN
PVYETTNRQYMSRIFYLDDGQKSEALEMKRQIEAANGEKIYTEIVPLENFYLAEGYHQKYYLQNTTKLYQTLKAIYGGFG
NLVRSTLAARMNGYIAGNLSIASLKEEMDLVELPEDQYEKVLSIVEEIKLEHHHHHH
;
_entity_poly.pdbx_strand_id   A
#
loop_
_chem_comp.id
_chem_comp.type
_chem_comp.name
_chem_comp.formula
ACT non-polymer 'ACETATE ION' 'C2 H3 O2 -1'
#
# COMPACT_ATOMS: atom_id res chain seq x y z
N LYS A 6 -7.95 7.17 15.30
CA LYS A 6 -8.61 7.76 14.13
C LYS A 6 -7.60 8.28 13.10
N LEU A 7 -7.60 7.65 11.93
CA LEU A 7 -6.63 7.99 10.88
C LEU A 7 -7.35 8.24 9.59
N SER A 8 -6.63 8.76 8.60
CA SER A 8 -7.26 9.04 7.32
C SER A 8 -7.07 7.84 6.36
N ILE A 9 -7.92 7.78 5.33
CA ILE A 9 -7.91 6.63 4.41
C ILE A 9 -7.88 7.12 3.00
N ALA A 10 -6.97 6.54 2.18
CA ALA A 10 -6.96 6.69 0.73
C ALA A 10 -7.14 5.28 0.13
N VAL A 11 -7.90 5.16 -0.96
CA VAL A 11 -8.02 3.86 -1.63
C VAL A 11 -7.70 4.11 -3.10
N PHE A 12 -6.64 3.45 -3.58
CA PHE A 12 -6.17 3.59 -4.98
C PHE A 12 -6.16 2.22 -5.71
N ALA A 13 -6.25 2.23 -7.04
CA ALA A 13 -6.05 1.01 -7.82
C ALA A 13 -5.04 1.38 -8.92
N LEU A 14 -3.98 0.59 -9.15
CA LEU A 14 -2.96 0.96 -10.16
C LEU A 14 -2.25 -0.29 -10.68
N GLY A 15 -2.97 -1.41 -10.80
CA GLY A 15 -2.36 -2.60 -11.33
C GLY A 15 -2.32 -3.65 -10.25
N CYS A 16 -1.45 -4.64 -10.40
CA CYS A 16 -1.35 -5.66 -9.37
C CYS A 16 -0.97 -4.94 -8.05
N PHE A 17 -1.51 -5.37 -6.92
CA PHE A 17 -1.40 -4.60 -5.69
C PHE A 17 -0.13 -4.91 -4.84
N TRP A 18 0.66 -5.92 -5.20
CA TRP A 18 1.88 -6.24 -4.40
C TRP A 18 2.90 -5.10 -4.34
N GLY A 19 3.23 -4.55 -5.52
CA GLY A 19 4.16 -3.45 -5.64
C GLY A 19 3.66 -2.25 -4.89
N PRO A 20 2.42 -1.77 -5.17
CA PRO A 20 1.84 -0.68 -4.40
C PRO A 20 1.91 -0.87 -2.87
N ASP A 21 1.59 -2.07 -2.40
CA ASP A 21 1.63 -2.36 -0.95
C ASP A 21 3.04 -2.08 -0.46
N ALA A 22 4.03 -2.60 -1.19
CA ALA A 22 5.42 -2.46 -0.73
C ALA A 22 5.91 -0.99 -0.86
N GLN A 23 5.42 -0.29 -1.87
CA GLN A 23 5.87 1.09 -2.11
C GLN A 23 5.22 2.04 -1.11
N PHE A 24 3.90 2.03 -1.03
CA PHE A 24 3.23 2.90 -0.05
C PHE A 24 3.59 2.54 1.39
N GLY A 25 3.81 1.26 1.65
CA GLY A 25 4.16 0.90 2.99
C GLY A 25 5.55 1.31 3.46
N SER A 26 6.38 1.74 2.53
CA SER A 26 7.71 2.31 2.85
C SER A 26 7.71 3.77 3.31
N ILE A 27 6.55 4.44 3.22
CA ILE A 27 6.49 5.90 3.35
C ILE A 27 6.10 6.36 4.73
N LYS A 28 6.92 7.25 5.27
CA LYS A 28 6.63 7.96 6.51
C LYS A 28 5.25 8.65 6.49
N GLY A 29 4.45 8.33 7.49
CA GLY A 29 3.10 8.84 7.57
C GLY A 29 2.07 7.79 7.20
N VAL A 30 2.49 6.77 6.46
CA VAL A 30 1.62 5.61 6.18
C VAL A 30 1.66 4.64 7.39
N VAL A 31 0.52 4.46 8.05
CA VAL A 31 0.48 3.69 9.31
C VAL A 31 0.22 2.24 9.02
N SER A 32 -0.69 1.94 8.09
CA SER A 32 -0.88 0.54 7.71
C SER A 32 -1.36 0.47 6.27
N THR A 33 -1.23 -0.70 5.67
CA THR A 33 -1.76 -0.93 4.32
C THR A 33 -2.52 -2.23 4.31
N ARG A 34 -3.48 -2.39 3.39
CA ARG A 34 -4.09 -3.72 3.15
C ARG A 34 -4.44 -3.76 1.69
N VAL A 35 -4.32 -4.92 1.05
CA VAL A 35 -4.68 -4.96 -0.36
C VAL A 35 -6.02 -5.64 -0.44
N GLY A 36 -6.73 -5.41 -1.53
CA GLY A 36 -8.10 -5.89 -1.61
C GLY A 36 -8.69 -5.51 -2.95
N TYR A 37 -10.02 -5.43 -3.01
CA TYR A 37 -10.77 -5.28 -4.26
C TYR A 37 -11.85 -4.23 -4.05
N ALA A 38 -12.03 -3.39 -5.07
CA ALA A 38 -12.97 -2.25 -5.01
C ALA A 38 -13.34 -1.84 -6.41
N GLY A 39 -14.47 -1.17 -6.59
CA GLY A 39 -14.76 -0.56 -7.87
C GLY A 39 -15.76 -1.34 -8.69
N GLY A 40 -16.09 -2.55 -8.24
CA GLY A 40 -17.05 -3.39 -8.96
C GLY A 40 -18.43 -3.36 -8.29
N THR A 41 -19.29 -4.32 -8.62
CA THR A 41 -20.70 -4.30 -8.19
C THR A 41 -21.13 -5.63 -7.59
N THR A 42 -20.18 -6.44 -7.13
CA THR A 42 -20.50 -7.74 -6.51
C THR A 42 -20.03 -7.64 -5.08
N ASN A 43 -20.73 -8.31 -4.15
CA ASN A 43 -20.30 -8.33 -2.76
C ASN A 43 -19.34 -9.47 -2.53
N ASN A 44 -18.38 -9.25 -1.64
CA ASN A 44 -17.45 -10.32 -1.26
C ASN A 44 -16.69 -10.97 -2.46
N PRO A 45 -16.11 -10.14 -3.34
CA PRO A 45 -15.31 -10.75 -4.42
C PRO A 45 -14.07 -11.46 -3.86
N SER A 46 -13.44 -12.25 -4.71
CA SER A 46 -12.21 -12.87 -4.27
C SER A 46 -11.41 -13.15 -5.49
N TYR A 47 -10.23 -13.70 -5.29
CA TYR A 47 -9.22 -13.74 -6.36
C TYR A 47 -9.74 -14.48 -7.56
N TYR A 48 -10.46 -15.57 -7.34
CA TYR A 48 -10.95 -16.33 -8.50
C TYR A 48 -12.39 -16.03 -8.84
N ASN A 49 -12.91 -15.01 -8.21
CA ASN A 49 -14.26 -14.58 -8.41
C ASN A 49 -14.32 -13.05 -8.26
N LEU A 50 -13.66 -12.35 -9.16
CA LEU A 50 -13.35 -10.94 -8.97
C LEU A 50 -14.47 -10.05 -9.45
N GLY A 51 -15.29 -10.56 -10.38
CA GLY A 51 -16.29 -9.71 -11.01
C GLY A 51 -15.68 -8.54 -11.73
N ASP A 52 -16.27 -7.37 -11.52
CA ASP A 52 -15.82 -6.16 -12.14
C ASP A 52 -14.92 -5.29 -11.24
N HIS A 53 -14.42 -5.87 -10.14
CA HIS A 53 -13.55 -5.15 -9.21
C HIS A 53 -12.10 -4.98 -9.75
N SER A 54 -11.39 -3.97 -9.23
CA SER A 54 -9.96 -3.72 -9.49
C SER A 54 -9.14 -4.09 -8.27
N ASP A 55 -7.90 -4.53 -8.51
CA ASP A 55 -6.93 -4.77 -7.45
C ASP A 55 -6.65 -3.41 -6.85
N SER A 56 -6.79 -3.29 -5.54
CA SER A 56 -6.77 -2.00 -4.91
C SER A 56 -5.94 -2.06 -3.64
N ILE A 57 -5.56 -0.89 -3.14
CA ILE A 57 -4.79 -0.84 -1.89
C ILE A 57 -5.47 0.19 -0.99
N GLU A 58 -5.66 -0.17 0.27
CA GLU A 58 -6.21 0.73 1.25
C GLU A 58 -5.03 1.25 2.08
N ILE A 59 -4.85 2.56 2.09
CA ILE A 59 -3.74 3.22 2.78
C ILE A 59 -4.30 3.98 3.97
N GLN A 60 -3.88 3.58 5.17
CA GLN A 60 -4.28 4.28 6.36
C GLN A 60 -3.13 5.16 6.76
N TYR A 61 -3.35 6.46 6.76
CA TYR A 61 -2.25 7.42 6.91
C TYR A 61 -2.60 8.46 7.93
N ASP A 62 -1.57 9.09 8.48
CA ASP A 62 -1.73 10.08 9.51
C ASP A 62 -1.59 11.43 8.81
N ALA A 63 -2.70 12.14 8.70
CA ALA A 63 -2.75 13.37 7.94
C ALA A 63 -1.92 14.47 8.63
N ASN A 64 -1.50 14.25 9.87
CA ASN A 64 -0.58 15.20 10.49
C ASN A 64 0.84 15.08 9.96
N VAL A 65 1.14 13.99 9.28
CA VAL A 65 2.51 13.63 8.89
C VAL A 65 2.64 13.60 7.37
N ILE A 66 1.60 13.14 6.66
CA ILE A 66 1.62 13.11 5.18
C ILE A 66 0.27 13.53 4.67
N THR A 67 0.22 14.27 3.55
CA THR A 67 -1.07 14.72 3.00
C THR A 67 -1.61 13.78 1.90
N TYR A 68 -2.90 13.90 1.60
CA TYR A 68 -3.49 13.17 0.46
C TYR A 68 -2.78 13.57 -0.85
N GLY A 69 -2.47 14.86 -1.02
CA GLY A 69 -1.70 15.29 -2.19
C GLY A 69 -0.35 14.58 -2.34
N GLU A 70 0.39 14.40 -1.25
CA GLU A 70 1.64 13.63 -1.37
C GLU A 70 1.41 12.16 -1.80
N LEU A 71 0.34 11.57 -1.33
CA LEU A 71 -0.02 10.19 -1.68
C LEU A 71 -0.45 10.11 -3.15
N LEU A 72 -1.18 11.11 -3.64
CA LEU A 72 -1.54 11.13 -5.07
C LEU A 72 -0.29 11.27 -5.92
N ASN A 73 0.66 12.06 -5.44
CA ASN A 73 1.88 12.22 -6.22
C ASN A 73 2.68 10.91 -6.28
N ILE A 74 2.74 10.18 -5.16
CA ILE A 74 3.37 8.85 -5.21
C ILE A 74 2.62 7.91 -6.16
N PHE A 75 1.29 7.87 -6.04
CA PHE A 75 0.42 7.10 -6.94
C PHE A 75 0.74 7.31 -8.42
N TRP A 76 0.86 8.56 -8.84
CA TRP A 76 1.14 8.86 -10.23
C TRP A 76 2.59 8.71 -10.63
N ASN A 77 3.44 8.40 -9.67
CA ASN A 77 4.83 8.11 -9.97
C ASN A 77 5.13 6.64 -9.96
N LEU A 78 4.16 5.83 -9.52
CA LEU A 78 4.28 4.37 -9.55
C LEU A 78 3.81 3.77 -10.86
N HIS A 79 3.00 4.50 -11.62
CA HIS A 79 2.56 4.00 -12.90
C HIS A 79 2.30 5.20 -13.81
N ASN A 80 2.17 4.96 -15.10
CA ASN A 80 1.86 6.07 -15.99
C ASN A 80 0.66 5.78 -16.87
N PRO A 81 -0.54 6.07 -16.33
CA PRO A 81 -1.77 5.61 -16.97
C PRO A 81 -2.25 6.49 -18.14
N VAL A 82 -1.54 6.35 -19.26
CA VAL A 82 -1.79 7.19 -20.42
C VAL A 82 -2.50 6.43 -21.55
N TYR A 83 -3.01 5.23 -21.27
CA TYR A 83 -3.86 4.50 -22.22
C TYR A 83 -5.15 4.16 -21.59
N GLU A 84 -6.15 3.97 -22.44
CA GLU A 84 -7.48 3.58 -22.04
C GLU A 84 -7.56 2.05 -22.21
N THR A 85 -7.83 1.35 -21.13
CA THR A 85 -8.12 -0.07 -21.18
C THR A 85 -9.51 -0.35 -20.61
N THR A 86 -10.02 -1.56 -20.81
CA THR A 86 -11.25 -1.94 -20.12
C THR A 86 -10.95 -3.10 -19.18
N ASN A 87 -9.68 -3.34 -18.89
CA ASN A 87 -9.31 -4.48 -18.04
C ASN A 87 -9.49 -4.07 -16.55
N ARG A 88 -10.69 -4.27 -16.02
CA ARG A 88 -11.06 -3.80 -14.67
C ARG A 88 -10.09 -4.21 -13.55
N GLN A 89 -9.63 -5.45 -13.61
CA GLN A 89 -8.73 -5.95 -12.59
C GLN A 89 -7.52 -5.04 -12.35
N TYR A 90 -7.01 -4.39 -13.41
CA TYR A 90 -5.77 -3.59 -13.32
C TYR A 90 -5.91 -2.10 -13.69
N MET A 91 -7.14 -1.62 -13.77
CA MET A 91 -7.37 -0.25 -14.19
C MET A 91 -6.87 0.72 -13.12
N SER A 92 -6.40 1.86 -13.60
CA SER A 92 -5.93 2.98 -12.76
C SER A 92 -7.17 3.74 -12.25
N ARG A 93 -7.38 3.74 -10.94
CA ARG A 93 -8.53 4.39 -10.32
C ARG A 93 -8.18 5.05 -9.02
N ILE A 94 -8.78 6.20 -8.75
CA ILE A 94 -8.68 6.77 -7.42
C ILE A 94 -10.06 6.75 -6.81
N PHE A 95 -10.24 6.07 -5.68
CA PHE A 95 -11.57 6.05 -5.06
C PHE A 95 -11.61 7.08 -3.94
N TYR A 96 -12.30 8.19 -4.20
CA TYR A 96 -12.35 9.25 -3.20
C TYR A 96 -13.36 8.97 -2.13
N LEU A 97 -13.03 9.37 -0.91
CA LEU A 97 -13.93 9.08 0.20
C LEU A 97 -14.72 10.33 0.54
N ASP A 98 -14.31 11.47 -0.02
CA ASP A 98 -15.07 12.72 0.18
C ASP A 98 -14.74 13.74 -0.88
N ASP A 99 -15.42 14.87 -0.85
CA ASP A 99 -15.27 15.84 -1.94
C ASP A 99 -13.91 16.56 -1.95
N GLY A 100 -13.26 16.66 -0.79
CA GLY A 100 -11.90 17.16 -0.73
C GLY A 100 -10.93 16.25 -1.46
N GLN A 101 -10.99 14.95 -1.20
CA GLN A 101 -10.18 14.00 -1.99
C GLN A 101 -10.49 14.08 -3.46
N LYS A 102 -11.78 14.15 -3.81
CA LYS A 102 -12.16 14.25 -5.22
C LYS A 102 -11.53 15.45 -5.91
N SER A 103 -11.57 16.61 -5.26
CA SER A 103 -11.10 17.80 -5.95
C SER A 103 -9.59 17.88 -5.99
N GLU A 104 -8.91 17.38 -4.97
CA GLU A 104 -7.45 17.30 -5.03
C GLU A 104 -7.01 16.36 -6.15
N ALA A 105 -7.69 15.23 -6.30
CA ALA A 105 -7.33 14.27 -7.35
C ALA A 105 -7.54 14.89 -8.72
N LEU A 106 -8.67 15.56 -8.89
CA LEU A 106 -8.96 16.13 -10.22
C LEU A 106 -7.96 17.21 -10.56
N GLU A 107 -7.62 18.01 -9.56
CA GLU A 107 -6.68 19.12 -9.82
C GLU A 107 -5.30 18.58 -10.17
N MET A 108 -4.84 17.61 -9.39
CA MET A 108 -3.54 17.02 -9.66
C MET A 108 -3.49 16.30 -11.02
N LYS A 109 -4.59 15.66 -11.40
CA LYS A 109 -4.67 15.04 -12.71
C LYS A 109 -4.55 16.09 -13.85
N ARG A 110 -5.18 17.26 -13.62
CA ARG A 110 -5.06 18.36 -14.59
C ARG A 110 -3.62 18.86 -14.69
N GLN A 111 -3.00 19.17 -13.55
CA GLN A 111 -1.58 19.55 -13.51
C GLN A 111 -0.67 18.55 -14.23
N ILE A 112 -0.91 17.25 -14.05
CA ILE A 112 -0.05 16.24 -14.70
C ILE A 112 -0.22 16.25 -16.22
N GLU A 113 -1.48 16.33 -16.65
CA GLU A 113 -1.83 16.42 -18.07
C GLU A 113 -1.23 17.66 -18.75
N ALA A 114 -1.16 18.76 -18.00
CA ALA A 114 -0.51 19.97 -18.50
C ALA A 114 1.01 19.81 -18.56
N ALA A 115 1.62 19.44 -17.45
CA ALA A 115 3.07 19.30 -17.36
C ALA A 115 3.72 18.30 -18.33
N ASN A 116 3.02 17.23 -18.70
CA ASN A 116 3.67 16.20 -19.52
C ASN A 116 3.05 16.06 -20.90
N GLY A 117 1.91 16.69 -21.12
CA GLY A 117 1.31 16.70 -22.45
C GLY A 117 0.40 15.55 -22.80
N GLU A 118 0.21 14.60 -21.89
CA GLU A 118 -0.59 13.43 -22.24
C GLU A 118 -1.87 13.32 -21.41
N LYS A 119 -2.95 12.89 -22.06
CA LYS A 119 -4.16 12.53 -21.33
C LYS A 119 -3.93 11.37 -20.34
N ILE A 120 -4.49 11.53 -19.14
CA ILE A 120 -4.42 10.53 -18.07
C ILE A 120 -5.77 9.83 -18.01
N TYR A 121 -5.75 8.51 -17.99
CA TYR A 121 -7.02 7.76 -17.99
C TYR A 121 -7.48 7.27 -16.63
N THR A 122 -6.74 7.56 -15.56
CA THR A 122 -7.19 7.27 -14.19
C THR A 122 -8.64 7.73 -13.99
N GLU A 123 -9.50 6.83 -13.54
CA GLU A 123 -10.90 7.16 -13.22
C GLU A 123 -10.97 7.67 -11.79
N ILE A 124 -11.54 8.85 -11.60
CA ILE A 124 -11.67 9.38 -10.24
C ILE A 124 -13.13 9.20 -9.82
N VAL A 125 -13.40 8.23 -8.93
CA VAL A 125 -14.75 7.80 -8.66
C VAL A 125 -14.98 7.65 -7.16
N PRO A 126 -16.24 7.71 -6.71
CA PRO A 126 -16.55 7.59 -5.29
C PRO A 126 -16.26 6.18 -4.78
N LEU A 127 -15.66 6.07 -3.60
CA LEU A 127 -15.45 4.77 -3.00
C LEU A 127 -16.83 4.23 -2.61
N GLU A 128 -17.11 3.01 -3.04
CA GLU A 128 -18.29 2.31 -2.63
C GLU A 128 -17.82 1.36 -1.53
N ASN A 129 -17.66 0.07 -1.82
CA ASN A 129 -17.20 -0.87 -0.80
C ASN A 129 -15.78 -1.36 -1.13
N PHE A 130 -14.92 -1.49 -0.12
CA PHE A 130 -13.58 -2.09 -0.27
C PHE A 130 -13.61 -3.44 0.41
N TYR A 131 -13.14 -4.47 -0.28
CA TYR A 131 -13.19 -5.84 0.26
C TYR A 131 -11.80 -6.36 0.37
N LEU A 132 -11.42 -6.81 1.58
CA LEU A 132 -10.07 -7.30 1.83
C LEU A 132 -9.71 -8.51 0.97
N ALA A 133 -8.49 -8.53 0.39
CA ALA A 133 -7.99 -9.69 -0.33
C ALA A 133 -7.60 -10.83 0.61
N GLU A 134 -7.46 -12.01 0.02
CA GLU A 134 -6.98 -13.21 0.76
C GLU A 134 -5.71 -12.96 1.53
N GLY A 135 -5.52 -13.64 2.66
CA GLY A 135 -4.35 -13.46 3.50
C GLY A 135 -3.03 -13.67 2.76
N TYR A 136 -3.00 -14.60 1.82
CA TYR A 136 -1.73 -14.83 1.11
C TYR A 136 -1.28 -13.64 0.24
N HIS A 137 -2.16 -12.67 0.01
CA HIS A 137 -1.78 -11.51 -0.78
C HIS A 137 -1.24 -10.38 0.05
N GLN A 138 -1.43 -10.43 1.36
CA GLN A 138 -1.06 -9.35 2.26
C GLN A 138 0.46 -9.37 2.54
N LYS A 139 1.09 -8.19 2.48
CA LYS A 139 2.53 -8.03 2.82
C LYS A 139 3.33 -9.14 2.12
N TYR A 140 3.03 -9.29 0.83
CA TYR A 140 3.43 -10.42 0.01
C TYR A 140 4.92 -10.74 0.06
N TYR A 141 5.79 -9.74 0.00
CA TYR A 141 7.21 -10.00 -0.02
C TYR A 141 7.63 -10.50 1.36
N LEU A 142 7.15 -9.85 2.40
CA LEU A 142 7.51 -10.25 3.77
C LEU A 142 7.03 -11.70 4.05
N GLN A 143 5.78 -11.97 3.67
CA GLN A 143 5.16 -13.28 3.93
C GLN A 143 5.98 -14.40 3.32
N ASN A 144 6.66 -14.08 2.22
CA ASN A 144 7.43 -15.07 1.46
C ASN A 144 8.92 -14.99 1.72
N THR A 145 9.28 -14.39 2.86
CA THR A 145 10.66 -14.30 3.39
C THR A 145 10.59 -14.95 4.77
N THR A 146 10.76 -16.28 4.74
CA THR A 146 10.18 -17.13 5.77
C THR A 146 10.67 -16.90 7.18
N LYS A 147 11.96 -16.81 7.36
CA LYS A 147 12.45 -16.65 8.73
C LYS A 147 12.07 -15.29 9.36
N LEU A 148 12.22 -14.22 8.57
CA LEU A 148 11.89 -12.87 9.03
C LEU A 148 10.39 -12.79 9.36
N TYR A 149 9.59 -13.40 8.52
CA TYR A 149 8.15 -13.40 8.67
C TYR A 149 7.75 -14.14 9.92
N GLN A 150 8.33 -15.32 10.15
CA GLN A 150 7.93 -16.12 11.29
C GLN A 150 8.31 -15.43 12.60
N THR A 151 9.52 -14.87 12.62
CA THR A 151 9.96 -14.12 13.78
C THR A 151 9.05 -12.91 14.09
N LEU A 152 8.79 -12.11 13.07
CA LEU A 152 7.95 -10.94 13.26
C LEU A 152 6.52 -11.37 13.65
N LYS A 153 6.05 -12.47 13.09
CA LYS A 153 4.68 -12.88 13.34
C LYS A 153 4.51 -13.29 14.81
N ALA A 154 5.51 -13.97 15.36
CA ALA A 154 5.46 -14.39 16.79
C ALA A 154 5.52 -13.16 17.66
N ILE A 155 6.42 -12.24 17.30
CA ILE A 155 6.48 -10.98 18.04
C ILE A 155 5.17 -10.18 18.02
N TYR A 156 4.47 -10.12 16.87
CA TYR A 156 3.24 -9.33 16.86
C TYR A 156 2.01 -10.10 17.35
N GLY A 157 2.16 -11.39 17.63
CA GLY A 157 1.03 -12.12 18.17
C GLY A 157 0.15 -12.76 17.13
N GLY A 158 0.65 -12.95 15.91
CA GLY A 158 -0.14 -13.60 14.90
C GLY A 158 -0.22 -12.85 13.58
N PHE A 159 -0.75 -13.55 12.58
CA PHE A 159 -0.80 -13.05 11.20
C PHE A 159 -1.56 -11.71 11.08
N GLY A 160 -2.78 -11.66 11.62
CA GLY A 160 -3.60 -10.48 11.55
C GLY A 160 -2.92 -9.27 12.18
N ASN A 161 -2.42 -9.40 13.41
CA ASN A 161 -1.72 -8.30 14.08
C ASN A 161 -0.49 -7.86 13.29
N LEU A 162 0.20 -8.82 12.69
CA LEU A 162 1.43 -8.50 11.96
C LEU A 162 1.06 -7.66 10.76
N VAL A 163 0.13 -8.16 9.94
CA VAL A 163 -0.09 -7.46 8.67
C VAL A 163 -0.74 -6.10 8.84
N ARG A 164 -1.35 -5.84 10.02
CA ARG A 164 -1.99 -4.55 10.29
C ARG A 164 -0.99 -3.54 10.84
N SER A 165 0.22 -3.99 11.15
CA SER A 165 1.24 -3.14 11.81
C SER A 165 2.01 -2.23 10.86
N THR A 166 2.47 -1.11 11.40
CA THR A 166 3.34 -0.23 10.65
C THR A 166 4.68 -0.92 10.32
N LEU A 167 5.24 -1.62 11.31
CA LEU A 167 6.52 -2.25 11.07
C LEU A 167 6.46 -3.32 9.96
N ALA A 168 5.36 -4.06 9.83
CA ALA A 168 5.26 -5.00 8.72
C ALA A 168 5.24 -4.29 7.37
N ALA A 169 4.58 -3.15 7.31
CA ALA A 169 4.48 -2.39 6.06
C ALA A 169 5.88 -1.94 5.64
N ARG A 170 6.65 -1.50 6.63
CA ARG A 170 8.01 -1.04 6.40
C ARG A 170 8.92 -2.21 5.98
N MET A 171 8.82 -3.33 6.69
CA MET A 171 9.62 -4.52 6.38
C MET A 171 9.36 -5.06 5.00
N ASN A 172 8.09 -5.16 4.67
CA ASN A 172 7.67 -5.58 3.33
C ASN A 172 8.29 -4.64 2.29
N GLY A 173 8.21 -3.33 2.55
CA GLY A 173 8.80 -2.38 1.61
C GLY A 173 10.34 -2.56 1.48
N TYR A 174 10.99 -2.86 2.59
CA TYR A 174 12.44 -3.13 2.63
C TYR A 174 12.86 -4.34 1.79
N ILE A 175 12.19 -5.48 2.01
CA ILE A 175 12.42 -6.65 1.19
C ILE A 175 12.25 -6.32 -0.31
N ALA A 176 11.27 -5.48 -0.64
CA ALA A 176 10.96 -5.20 -2.06
C ALA A 176 11.99 -4.23 -2.68
N GLY A 177 12.82 -3.66 -1.84
CA GLY A 177 13.89 -2.80 -2.33
C GLY A 177 13.53 -1.33 -2.23
N ASN A 178 12.45 -0.99 -1.51
CA ASN A 178 11.96 0.40 -1.43
C ASN A 178 12.29 1.17 -0.18
N LEU A 179 13.10 0.60 0.71
CA LEU A 179 13.43 1.29 1.95
C LEU A 179 14.87 0.96 2.35
N SER A 180 15.67 1.95 2.78
CA SER A 180 17.04 1.65 3.22
C SER A 180 17.07 0.94 4.58
N ILE A 181 18.17 0.25 4.88
CA ILE A 181 18.24 -0.45 6.16
C ILE A 181 18.34 0.59 7.26
N ALA A 182 18.92 1.73 6.94
CA ALA A 182 19.00 2.79 7.95
C ALA A 182 17.60 3.27 8.39
N SER A 183 16.74 3.52 7.40
CA SER A 183 15.36 3.92 7.71
C SER A 183 14.57 2.80 8.42
N LEU A 184 14.79 1.57 7.96
CA LEU A 184 14.14 0.41 8.57
C LEU A 184 14.52 0.33 10.05
N LYS A 185 15.80 0.56 10.35
CA LYS A 185 16.30 0.45 11.73
C LYS A 185 15.67 1.49 12.60
N GLU A 186 15.53 2.71 12.08
CA GLU A 186 14.76 3.71 12.82
C GLU A 186 13.32 3.26 13.14
N GLU A 187 12.68 2.64 12.14
CA GLU A 187 11.31 2.14 12.37
C GLU A 187 11.28 1.06 13.46
N MET A 188 12.26 0.17 13.43
CA MET A 188 12.36 -0.90 14.43
C MET A 188 12.54 -0.25 15.78
N ASP A 189 13.27 0.86 15.82
CA ASP A 189 13.50 1.57 17.07
C ASP A 189 12.23 2.09 17.69
N LEU A 190 11.33 2.59 16.83
CA LEU A 190 10.04 3.08 17.32
C LEU A 190 9.19 2.05 18.06
N VAL A 191 9.40 0.78 17.75
CA VAL A 191 8.52 -0.26 18.27
C VAL A 191 8.96 -0.65 19.69
N GLU A 192 10.21 -0.34 20.01
CA GLU A 192 10.79 -0.61 21.34
C GLU A 192 10.76 -2.07 21.71
N LEU A 193 11.42 -2.89 20.90
CA LEU A 193 11.46 -4.32 21.14
C LEU A 193 12.40 -4.62 22.29
N PRO A 194 12.17 -5.74 22.98
CA PRO A 194 13.23 -6.18 23.90
C PRO A 194 14.51 -6.48 23.14
N GLU A 195 15.62 -5.97 23.67
CA GLU A 195 16.94 -6.09 23.10
C GLU A 195 17.22 -7.36 22.31
N ASP A 196 16.84 -8.51 22.87
CA ASP A 196 17.13 -9.79 22.21
C ASP A 196 16.36 -9.95 20.89
N GLN A 197 15.08 -9.59 20.89
CA GLN A 197 14.24 -9.61 19.69
C GLN A 197 14.72 -8.57 18.67
N TYR A 198 15.05 -7.37 19.15
CA TYR A 198 15.68 -6.37 18.29
C TYR A 198 16.88 -6.98 17.56
N GLU A 199 17.73 -7.72 18.28
CA GLU A 199 18.92 -8.30 17.68
C GLU A 199 18.66 -9.47 16.73
N LYS A 200 17.72 -10.34 17.07
CA LYS A 200 17.35 -11.39 16.13
C LYS A 200 16.81 -10.78 14.80
N VAL A 201 15.89 -9.83 14.93
CA VAL A 201 15.31 -9.22 13.73
C VAL A 201 16.43 -8.51 12.92
N LEU A 202 17.24 -7.73 13.63
CA LEU A 202 18.29 -6.97 12.99
C LEU A 202 19.28 -7.88 12.25
N SER A 203 19.64 -9.01 12.83
CA SER A 203 20.57 -9.86 12.09
C SER A 203 19.91 -10.48 10.87
N ILE A 204 18.60 -10.76 10.91
CA ILE A 204 17.97 -11.27 9.68
C ILE A 204 17.96 -10.20 8.57
N VAL A 205 17.63 -8.99 8.98
CA VAL A 205 17.55 -7.87 8.08
C VAL A 205 18.93 -7.53 7.50
N GLU A 206 19.97 -7.59 8.33
CA GLU A 206 21.34 -7.32 7.88
C GLU A 206 21.77 -8.40 6.91
N GLU A 207 21.47 -9.64 7.25
CA GLU A 207 21.74 -10.74 6.34
C GLU A 207 21.03 -10.55 4.99
N ILE A 208 19.80 -10.03 5.00
CA ILE A 208 19.14 -9.73 3.74
C ILE A 208 19.88 -8.64 2.96
N LYS A 209 20.32 -7.56 3.63
CA LYS A 209 21.11 -6.52 2.93
C LYS A 209 22.38 -7.14 2.37
N LEU A 210 22.86 -8.18 3.06
CA LEU A 210 24.01 -9.02 2.69
C LEU A 210 25.31 -8.45 3.25
N MHO B . 0.52 -14.42 -9.90
CA MHO B . 0.97 -13.53 -10.95
CB MHO B . 0.41 -12.09 -10.90
CG MHO B . -0.70 -11.92 -9.89
SD MHO B . -1.30 -10.25 -9.68
CE MHO B . -1.79 -10.27 -8.02
C MHO B . 2.50 -13.50 -10.99
O MHO B . 3.25 -13.00 -11.83
OXT MHO B . 3.12 -14.14 -9.94
OD1 MHO B . -2.60 -10.10 -10.42
C ACT C . 7.78 -3.05 -5.99
O ACT C . 7.51 -2.21 -6.93
OXT ACT C . 7.83 -2.59 -4.81
CH3 ACT C . 7.91 -4.52 -6.20
#